data_4MCT
#
_entry.id   4MCT
#
_cell.length_a   94.860
_cell.length_b   94.860
_cell.length_c   126.814
_cell.angle_alpha   90.00
_cell.angle_beta   90.00
_cell.angle_gamma   120.00
#
_symmetry.space_group_name_H-M   'P 32 2 1'
#
loop_
_entity.id
_entity.type
_entity.pdbx_description
1 polymer 'Antidote protein'
2 polymer 'Killer protein'
3 water water
#
loop_
_entity_poly.entity_id
_entity_poly.type
_entity_poly.pdbx_seq_one_letter_code
_entity_poly.pdbx_strand_id
1 'polypeptide(L)'
;(MSE)RQFKVSHPGE(MSE)IARDLED(MSE)GVSGRRFAHNIGVTPATVSRLLAGKTALTPSLSIRIAAALGSTPEFWL
RLQSNYDLRQLENQIDTSGIVLYGESNEQQQNAQEHDPNSSSVDKLAAALEHHHHHH
;
A,C
2 'polypeptide(L)'
;(MSE)(MSE)IKSFKHKGLKLLFEKGVTSGVPAQDVDRINDRLQAIDTATEIGELNRQIYKLHPLKGDREGYWSITVRAN
WRITFQFINGDAYILNYEDYH
;
B,D
#
# COMPACT_ATOMS: atom_id res chain seq x y z
N ARG A 2 1.92 14.76 -8.32
CA ARG A 2 2.77 13.72 -7.78
C ARG A 2 4.18 14.22 -7.52
N GLN A 3 4.86 13.55 -6.59
CA GLN A 3 6.21 13.95 -6.22
C GLN A 3 7.16 13.75 -7.39
N PHE A 4 7.94 14.77 -7.71
CA PHE A 4 8.83 14.70 -8.86
C PHE A 4 9.85 13.61 -8.67
N LYS A 5 10.60 13.64 -7.56
CA LYS A 5 11.60 12.59 -7.34
C LYS A 5 11.19 11.61 -6.25
N VAL A 6 11.17 10.34 -6.60
CA VAL A 6 10.80 9.29 -5.67
C VAL A 6 11.99 8.38 -5.43
N SER A 7 12.47 8.35 -4.19
CA SER A 7 13.71 7.65 -3.89
C SER A 7 13.50 6.18 -3.61
N HIS A 8 14.54 5.40 -3.87
CA HIS A 8 14.55 4.01 -3.48
C HIS A 8 14.73 3.98 -1.97
N PRO A 9 13.85 3.27 -1.25
CA PRO A 9 13.89 3.32 0.22
C PRO A 9 15.29 3.04 0.81
N GLY A 10 16.06 2.19 0.16
CA GLY A 10 17.40 1.88 0.59
C GLY A 10 18.29 3.11 0.69
N GLU A 11 18.22 3.99 -0.32
CA GLU A 11 19.03 5.19 -0.34
C GLU A 11 18.56 6.17 0.73
N ILE A 13 17.22 5.18 3.57
CA ILE A 13 17.71 4.56 4.79
C ILE A 13 19.20 4.83 4.95
N ALA A 14 19.93 4.80 3.83
CA ALA A 14 21.36 5.10 3.84
C ALA A 14 21.61 6.53 4.35
N ARG A 15 20.91 7.51 3.78
CA ARG A 15 21.04 8.89 4.26
C ARG A 15 20.61 9.02 5.72
N ASP A 16 19.65 8.23 6.17
CA ASP A 16 19.22 8.31 7.57
C ASP A 16 20.25 7.69 8.53
N LEU A 17 20.90 6.60 8.12
CA LEU A 17 21.89 5.95 8.98
C LEU A 17 23.12 6.85 9.16
N GLU A 18 23.46 7.56 8.11
CA GLU A 18 24.57 8.49 8.17
C GLU A 18 24.27 9.60 9.18
N ASP A 19 23.07 10.16 9.15
CA ASP A 19 22.68 11.23 10.08
C ASP A 19 22.58 10.70 11.51
N GLY A 21 24.78 7.96 12.70
CA GLY A 21 26.09 7.49 13.15
C GLY A 21 26.11 5.98 13.21
N VAL A 22 25.23 5.38 12.42
CA VAL A 22 25.15 3.93 12.35
C VAL A 22 25.69 3.50 11.01
N SER A 23 26.68 2.63 11.02
CA SER A 23 27.28 2.19 9.77
C SER A 23 26.49 1.02 9.24
N GLY A 24 26.61 0.81 7.93
CA GLY A 24 25.99 -0.31 7.25
C GLY A 24 26.30 -1.60 7.99
N ARG A 25 27.55 -1.74 8.41
CA ARG A 25 27.96 -2.96 9.08
C ARG A 25 27.20 -3.10 10.37
N ARG A 26 27.08 -2.02 11.14
CA ARG A 26 26.39 -2.11 12.43
C ARG A 26 24.89 -2.42 12.28
N PHE A 27 24.29 -1.78 11.28
CA PHE A 27 22.88 -1.91 10.98
C PHE A 27 22.60 -3.35 10.56
N ALA A 28 23.47 -3.90 9.72
CA ALA A 28 23.33 -5.29 9.29
C ALA A 28 23.32 -6.23 10.49
N HIS A 29 24.25 -6.01 11.41
CA HIS A 29 24.35 -6.81 12.62
C HIS A 29 23.05 -6.76 13.43
N ASN A 30 22.49 -5.56 13.52
CA ASN A 30 21.32 -5.31 14.34
C ASN A 30 20.06 -5.96 13.79
N ILE A 31 19.80 -5.80 12.49
CA ILE A 31 18.56 -6.31 11.91
C ILE A 31 18.68 -7.78 11.49
N GLY A 32 19.88 -8.35 11.64
CA GLY A 32 20.07 -9.77 11.40
C GLY A 32 20.11 -10.16 9.94
N VAL A 33 20.83 -9.35 9.17
CA VAL A 33 21.08 -9.56 7.75
C VAL A 33 22.59 -9.53 7.45
N THR A 34 23.02 -10.18 6.38
CA THR A 34 24.43 -10.15 5.99
C THR A 34 24.82 -8.74 5.53
N PRO A 35 26.01 -8.26 5.93
CA PRO A 35 26.46 -6.92 5.52
C PRO A 35 26.43 -6.75 4.01
N ALA A 36 26.67 -7.86 3.30
CA ALA A 36 26.61 -7.88 1.85
C ALA A 36 25.20 -7.51 1.34
N THR A 37 24.15 -8.10 1.92
CA THR A 37 22.79 -7.75 1.52
C THR A 37 22.48 -6.30 1.86
N VAL A 38 22.80 -5.87 3.07
CA VAL A 38 22.54 -4.50 3.48
C VAL A 38 23.24 -3.44 2.64
N SER A 39 24.48 -3.72 2.22
CA SER A 39 25.20 -2.74 1.40
C SER A 39 24.55 -2.64 0.01
N ARG A 40 24.14 -3.79 -0.53
CA ARG A 40 23.40 -3.78 -1.79
C ARG A 40 22.09 -3.01 -1.62
N LEU A 41 21.48 -3.11 -0.43
CA LEU A 41 20.25 -2.37 -0.16
C LEU A 41 20.49 -0.86 -0.11
N LEU A 42 21.46 -0.42 0.70
CA LEU A 42 21.73 1.02 0.87
C LEU A 42 22.19 1.68 -0.43
N ALA A 43 22.61 0.85 -1.39
CA ALA A 43 22.98 1.35 -2.71
C ALA A 43 21.76 1.43 -3.62
N GLY A 44 20.66 0.83 -3.18
CA GLY A 44 19.46 0.78 -3.98
C GLY A 44 19.59 -0.25 -5.09
N LYS A 45 20.33 -1.31 -4.82
CA LYS A 45 20.54 -2.38 -5.80
C LYS A 45 19.71 -3.68 -5.59
N THR A 46 19.21 -3.92 -4.39
CA THR A 46 18.19 -4.96 -4.20
C THR A 46 16.96 -4.28 -3.66
N ALA A 47 15.82 -4.93 -3.83
CA ALA A 47 14.58 -4.38 -3.37
C ALA A 47 14.48 -4.57 -1.87
N LEU A 48 13.70 -3.68 -1.26
CA LEU A 48 13.36 -3.80 0.15
C LEU A 48 12.18 -4.74 0.16
N THR A 49 12.42 -5.99 0.56
CA THR A 49 11.43 -7.06 0.43
C THR A 49 10.51 -7.13 1.67
N PRO A 50 9.46 -7.95 1.63
CA PRO A 50 8.67 -8.02 2.88
C PRO A 50 9.46 -8.51 4.11
N SER A 51 10.31 -9.51 3.92
CA SER A 51 11.12 -10.02 5.03
C SER A 51 12.02 -8.90 5.56
N LEU A 52 12.59 -8.10 4.67
CA LEU A 52 13.38 -6.97 5.12
C LEU A 52 12.52 -5.92 5.82
N SER A 53 11.34 -5.66 5.30
CA SER A 53 10.50 -4.61 5.85
C SER A 53 10.16 -4.88 7.32
N ILE A 54 9.98 -6.15 7.66
CA ILE A 54 9.71 -6.47 9.04
C ILE A 54 10.94 -6.19 9.90
N ARG A 55 12.11 -6.61 9.42
CA ARG A 55 13.35 -6.39 10.15
C ARG A 55 13.65 -4.90 10.29
N ILE A 56 13.51 -4.18 9.18
CA ILE A 56 13.89 -2.78 9.12
C ILE A 56 13.00 -1.96 10.03
N ALA A 57 11.70 -2.24 10.03
CA ALA A 57 10.78 -1.48 10.88
C ALA A 57 11.03 -1.78 12.34
N ALA A 58 11.54 -2.98 12.61
CA ALA A 58 11.88 -3.33 13.98
C ALA A 58 13.03 -2.44 14.48
N ALA A 59 13.79 -1.86 13.55
CA ALA A 59 14.96 -1.04 13.89
C ALA A 59 14.73 0.48 13.70
N LEU A 60 14.09 0.86 12.59
CA LEU A 60 13.94 2.28 12.25
C LEU A 60 12.54 2.81 12.51
N GLY A 61 11.66 1.90 12.95
CA GLY A 61 10.30 2.24 13.30
C GLY A 61 9.33 2.31 12.13
N SER A 62 8.17 2.94 12.39
CA SER A 62 7.02 2.87 11.50
C SER A 62 6.62 1.42 11.31
N THR A 63 5.78 1.16 10.31
CA THR A 63 5.25 -0.18 10.09
C THR A 63 5.96 -0.88 8.94
N PRO A 64 5.95 -2.21 8.94
CA PRO A 64 6.51 -2.90 7.77
C PRO A 64 5.81 -2.46 6.49
N GLU A 65 4.49 -2.27 6.58
CA GLU A 65 3.65 -1.79 5.47
C GLU A 65 4.16 -0.50 4.82
N PHE A 66 4.65 0.43 5.63
CA PHE A 66 5.14 1.73 5.18
C PHE A 66 6.37 1.55 4.28
N TRP A 67 7.30 0.76 4.77
CA TRP A 67 8.55 0.55 4.08
C TRP A 67 8.29 -0.16 2.77
N LEU A 68 7.33 -1.07 2.81
CA LEU A 68 6.95 -1.82 1.62
C LEU A 68 6.26 -0.95 0.59
N ARG A 69 5.53 0.04 1.10
CA ARG A 69 4.77 0.95 0.26
C ARG A 69 5.76 1.86 -0.46
N LEU A 70 6.82 2.25 0.24
CA LEU A 70 7.88 3.02 -0.36
C LEU A 70 8.48 2.27 -1.53
N GLN A 71 8.79 0.99 -1.34
CA GLN A 71 9.40 0.17 -2.39
C GLN A 71 8.49 0.10 -3.60
N SER A 72 7.21 -0.19 -3.36
CA SER A 72 6.18 -0.27 -4.41
C SER A 72 6.02 1.03 -5.16
N ASN A 73 5.93 2.12 -4.43
CA ASN A 73 5.77 3.43 -5.04
C ASN A 73 6.93 3.71 -5.96
N TYR A 74 8.14 3.45 -5.47
CA TYR A 74 9.33 3.58 -6.30
C TYR A 74 9.30 2.59 -7.48
N ASP A 75 9.05 1.31 -7.20
CA ASP A 75 9.02 0.31 -8.26
C ASP A 75 8.09 0.71 -9.43
N LEU A 76 6.87 1.17 -9.12
CA LEU A 76 5.92 1.53 -10.17
C LEU A 76 6.31 2.80 -10.92
N ARG A 77 6.97 3.73 -10.24
CA ARG A 77 7.49 4.92 -10.92
C ARG A 77 8.57 4.51 -11.91
N GLN A 78 9.53 3.74 -11.42
CA GLN A 78 10.57 3.20 -12.26
C GLN A 78 10.00 2.42 -13.44
N LEU A 79 8.78 1.89 -13.32
CA LEU A 79 8.21 1.12 -14.44
C LEU A 79 7.34 1.91 -15.41
N GLU A 80 7.20 3.22 -15.21
CA GLU A 80 6.34 4.03 -16.08
C GLU A 80 6.80 3.96 -17.55
N ASN A 81 5.90 3.57 -18.44
CA ASN A 81 6.20 3.48 -19.87
C ASN A 81 7.25 2.42 -20.19
N GLN A 82 7.44 1.43 -19.30
CA GLN A 82 8.44 0.41 -19.57
C GLN A 82 7.73 -0.84 -20.02
N ILE A 83 6.41 -0.84 -19.90
CA ILE A 83 5.63 -2.03 -20.19
C ILE A 83 4.51 -1.68 -21.14
N ASP A 84 4.56 -2.37 -22.28
CA ASP A 84 3.66 -2.16 -23.39
C ASP A 84 2.35 -2.91 -23.17
N THR A 85 1.29 -2.22 -22.78
CA THR A 85 0.01 -2.87 -22.50
C THR A 85 -0.98 -2.72 -23.67
N SER A 86 -0.41 -2.41 -24.83
CA SER A 86 -1.04 -1.92 -26.07
C SER A 86 -2.37 -2.52 -26.61
N GLY A 87 -2.50 -3.84 -26.79
CA GLY A 87 -1.58 -4.89 -26.43
C GLY A 87 -2.46 -5.92 -25.72
N ILE A 88 -2.84 -5.57 -24.49
CA ILE A 88 -3.60 -6.45 -23.63
C ILE A 88 -5.08 -6.07 -23.65
N VAL A 89 -5.94 -7.07 -23.85
CA VAL A 89 -7.36 -6.80 -23.88
C VAL A 89 -7.94 -6.74 -22.46
N LEU A 90 -8.63 -5.64 -22.15
CA LEU A 90 -9.35 -5.44 -20.89
C LEU A 90 -10.68 -6.14 -20.93
N TYR A 91 -10.85 -7.23 -20.19
CA TYR A 91 -12.11 -7.99 -20.24
C TYR A 91 -13.29 -7.09 -19.87
N GLY A 92 -14.37 -7.16 -20.66
CA GLY A 92 -15.57 -6.39 -20.39
C GLY A 92 -16.67 -7.31 -19.87
N ILE B 3 -0.90 15.06 -0.27
CA ILE B 3 -0.45 16.41 0.02
C ILE B 3 -1.17 17.47 -0.81
N LYS B 4 -1.95 18.33 -0.14
CA LYS B 4 -2.92 19.16 -0.83
C LYS B 4 -2.54 20.65 -1.02
N SER B 5 -1.64 21.18 -0.19
CA SER B 5 -1.20 22.56 -0.39
C SER B 5 0.15 22.87 0.25
N PHE B 6 0.82 23.92 -0.23
CA PHE B 6 2.06 24.35 0.38
C PHE B 6 1.96 25.81 0.81
N LYS B 7 2.46 26.11 2.00
CA LYS B 7 2.64 27.47 2.47
C LYS B 7 4.02 27.93 2.03
N HIS B 8 4.96 27.00 2.02
CA HIS B 8 6.34 27.27 1.66
C HIS B 8 6.54 26.97 0.17
N LYS B 9 6.78 28.01 -0.63
CA LYS B 9 6.91 27.85 -2.08
C LYS B 9 8.21 27.16 -2.48
N GLY B 10 9.19 27.17 -1.58
CA GLY B 10 10.42 26.46 -1.88
C GLY B 10 10.18 24.97 -1.79
N LEU B 11 9.27 24.56 -0.90
CA LEU B 11 8.84 23.17 -0.81
C LEU B 11 8.00 22.73 -2.01
N LYS B 12 6.99 23.54 -2.36
CA LYS B 12 6.11 23.23 -3.48
C LYS B 12 6.97 22.96 -4.72
N LEU B 13 8.03 23.74 -4.86
CA LEU B 13 8.92 23.65 -6.01
C LEU B 13 9.76 22.36 -6.03
N LEU B 14 10.28 21.97 -4.87
CA LEU B 14 11.04 20.72 -4.77
C LEU B 14 10.13 19.53 -5.04
N PHE B 15 8.92 19.61 -4.51
CA PHE B 15 7.97 18.51 -4.59
C PHE B 15 7.45 18.29 -5.99
N GLU B 16 6.98 19.35 -6.62
CA GLU B 16 6.27 19.20 -7.88
C GLU B 16 7.21 19.15 -9.07
N LYS B 17 8.29 19.91 -9.00
CA LYS B 17 9.16 20.12 -10.16
C LYS B 17 10.57 19.62 -9.95
N GLY B 18 10.91 19.25 -8.73
CA GLY B 18 12.25 18.74 -8.47
C GLY B 18 13.29 19.84 -8.60
N VAL B 19 12.87 21.06 -8.29
CA VAL B 19 13.76 22.23 -8.33
C VAL B 19 14.20 22.64 -6.94
N THR B 20 15.51 22.89 -6.80
CA THR B 20 16.13 23.03 -5.49
C THR B 20 16.47 24.47 -5.12
N SER B 21 16.02 25.43 -5.92
CA SER B 21 16.40 26.82 -5.70
C SER B 21 15.83 27.42 -4.40
N GLY B 22 14.69 26.91 -3.92
CA GLY B 22 14.02 27.48 -2.77
C GLY B 22 14.34 26.91 -1.38
N VAL B 23 15.20 25.90 -1.33
CA VAL B 23 15.55 25.25 -0.06
C VAL B 23 17.07 25.18 0.10
N PRO B 24 17.56 25.10 1.36
CA PRO B 24 19.01 24.95 1.59
C PRO B 24 19.62 23.84 0.73
N ALA B 25 20.72 24.19 0.05
CA ALA B 25 21.31 23.32 -0.97
C ALA B 25 21.75 21.99 -0.38
N GLN B 26 22.09 22.03 0.90
CA GLN B 26 22.57 20.85 1.59
C GLN B 26 21.45 19.91 2.04
N ASP B 27 20.26 20.45 2.25
CA ASP B 27 19.16 19.66 2.82
C ASP B 27 18.22 19.05 1.78
N VAL B 28 18.51 19.26 0.51
CA VAL B 28 17.63 18.79 -0.57
C VAL B 28 17.18 17.33 -0.45
N ASP B 29 18.11 16.41 -0.26
CA ASP B 29 17.76 14.99 -0.21
C ASP B 29 16.94 14.67 1.04
N ARG B 30 17.41 15.22 2.15
CA ARG B 30 16.82 15.04 3.46
C ARG B 30 15.36 15.49 3.44
N ILE B 31 15.13 16.64 2.84
CA ILE B 31 13.81 17.23 2.76
C ILE B 31 12.95 16.44 1.77
N ASN B 32 13.54 15.99 0.67
CA ASN B 32 12.77 15.22 -0.28
C ASN B 32 12.33 13.90 0.36
N ASP B 33 13.23 13.29 1.13
CA ASP B 33 12.91 12.09 1.87
C ASP B 33 11.70 12.28 2.77
N ARG B 34 11.71 13.37 3.52
CA ARG B 34 10.66 13.59 4.51
C ARG B 34 9.34 13.82 3.81
N LEU B 35 9.40 14.50 2.68
CA LEU B 35 8.19 14.76 1.90
C LEU B 35 7.68 13.46 1.33
N GLN B 36 8.59 12.58 0.94
CA GLN B 36 8.22 11.27 0.43
C GLN B 36 7.53 10.42 1.51
N ALA B 37 8.01 10.54 2.75
CA ALA B 37 7.37 9.87 3.88
C ALA B 37 5.95 10.40 4.14
N ILE B 38 5.83 11.72 4.23
CA ILE B 38 4.54 12.30 4.46
C ILE B 38 3.61 11.86 3.37
N ASP B 39 4.09 11.85 2.12
CA ASP B 39 3.25 11.44 0.99
C ASP B 39 2.83 9.96 1.04
N THR B 40 3.68 9.12 1.61
CA THR B 40 3.50 7.67 1.57
C THR B 40 2.69 7.16 2.78
N ALA B 41 2.86 7.78 3.94
CA ALA B 41 2.12 7.36 5.14
C ALA B 41 0.61 7.41 4.97
N THR B 42 -0.08 6.43 5.55
CA THR B 42 -1.53 6.34 5.43
C THR B 42 -2.21 6.71 6.72
N GLU B 43 -1.42 6.73 7.79
CA GLU B 43 -1.81 7.09 9.14
C GLU B 43 -0.81 8.11 9.66
N ILE B 44 -1.07 8.78 10.77
CA ILE B 44 -0.08 9.73 11.28
C ILE B 44 0.95 8.95 12.10
N GLY B 45 0.54 7.81 12.63
CA GLY B 45 1.43 7.03 13.47
C GLY B 45 2.60 6.48 12.70
N GLU B 46 2.47 6.44 11.38
CA GLU B 46 3.54 5.92 10.52
C GLU B 46 4.72 6.89 10.42
N LEU B 47 4.49 8.15 10.77
CA LEU B 47 5.56 9.14 10.78
C LEU B 47 6.22 9.27 12.14
N ASN B 48 5.86 8.41 13.08
CA ASN B 48 6.42 8.52 14.42
C ASN B 48 7.75 7.79 14.58
N ARG B 49 8.61 7.88 13.57
CA ARG B 49 10.00 7.42 13.67
C ARG B 49 10.85 8.28 14.60
N GLN B 50 11.88 7.68 15.17
CA GLN B 50 12.79 8.41 16.06
C GLN B 50 13.41 9.68 15.48
N ILE B 51 13.95 9.59 14.28
CA ILE B 51 14.63 10.73 13.69
C ILE B 51 13.68 11.84 13.28
N TYR B 52 12.40 11.54 13.21
CA TYR B 52 11.45 12.54 12.77
C TYR B 52 10.98 13.38 13.95
N LYS B 53 11.03 12.80 15.15
CA LYS B 53 10.54 13.45 16.36
C LYS B 53 9.19 14.13 16.11
N LEU B 54 8.31 13.32 15.54
CA LEU B 54 6.95 13.71 15.26
C LEU B 54 6.33 14.21 16.54
N HIS B 55 5.66 15.35 16.51
CA HIS B 55 4.88 15.80 17.65
C HIS B 55 3.84 16.83 17.24
N PRO B 56 2.70 16.86 17.94
CA PRO B 56 1.64 17.77 17.53
C PRO B 56 1.90 19.18 18.05
N LEU B 57 1.26 20.18 17.45
CA LEU B 57 1.44 21.57 17.89
C LEU B 57 0.28 22.20 18.67
N LYS B 58 0.66 23.17 19.50
CA LYS B 58 -0.25 23.97 20.31
C LYS B 58 0.07 25.45 20.02
N GLY B 59 -0.79 26.15 19.27
CA GLY B 59 -2.13 25.72 18.91
C GLY B 59 -3.29 26.54 19.46
N ASP B 60 -3.61 27.73 18.92
CA ASP B 60 -3.07 28.39 17.71
C ASP B 60 -3.12 27.52 16.45
N ARG B 61 -1.98 26.87 16.17
CA ARG B 61 -1.84 25.85 15.15
C ARG B 61 -2.16 24.45 15.71
N GLU B 62 -3.42 24.28 16.12
CA GLU B 62 -3.99 22.98 16.50
C GLU B 62 -4.43 22.16 15.28
N GLY B 63 -4.17 20.86 15.34
CA GLY B 63 -4.37 19.99 14.21
C GLY B 63 -3.17 20.13 13.28
N TYR B 64 -2.16 20.87 13.74
CA TYR B 64 -0.90 21.00 13.03
C TYR B 64 0.12 20.03 13.61
N TRP B 65 1.01 19.52 12.76
CA TRP B 65 2.04 18.60 13.20
C TRP B 65 3.40 19.05 12.68
N SER B 66 4.47 18.64 13.34
CA SER B 66 5.80 18.89 12.80
C SER B 66 6.68 17.63 12.83
N ILE B 67 7.60 17.55 11.86
CA ILE B 67 8.66 16.55 11.90
C ILE B 67 9.98 17.27 11.67
N THR B 68 11.04 16.75 12.26
CA THR B 68 12.36 17.38 12.24
C THR B 68 13.15 17.05 10.99
N VAL B 69 13.69 18.06 10.32
CA VAL B 69 14.60 17.81 9.21
C VAL B 69 16.04 17.73 9.70
N ARG B 70 16.48 18.75 10.44
CA ARG B 70 17.76 18.70 11.16
C ARG B 70 17.81 19.92 12.08
N ALA B 71 18.71 19.89 13.06
CA ALA B 71 18.86 20.98 14.02
C ALA B 71 17.49 21.50 14.47
N ASN B 72 17.29 22.81 14.33
CA ASN B 72 16.00 23.43 14.61
C ASN B 72 15.04 23.49 13.44
N TRP B 73 15.34 22.82 12.32
CA TRP B 73 14.43 22.98 11.17
C TRP B 73 13.42 21.86 11.10
N ARG B 74 12.15 22.25 10.95
CA ARG B 74 11.01 21.36 11.05
C ARG B 74 10.22 21.49 9.77
N ILE B 75 9.52 20.44 9.38
CA ILE B 75 8.49 20.60 8.37
C ILE B 75 7.13 20.54 9.06
N THR B 76 6.26 21.50 8.81
CA THR B 76 4.96 21.44 9.48
C THR B 76 3.83 21.36 8.47
N PHE B 77 2.69 20.86 8.94
CA PHE B 77 1.53 20.72 8.10
C PHE B 77 0.29 20.57 8.95
N GLN B 78 -0.85 21.01 8.42
CA GLN B 78 -2.10 20.85 9.13
C GLN B 78 -2.77 19.57 8.70
N PHE B 79 -3.29 18.84 9.67
CA PHE B 79 -3.85 17.52 9.43
C PHE B 79 -5.38 17.49 9.66
N ILE B 80 -6.12 17.47 8.55
CA ILE B 80 -7.58 17.33 8.54
C ILE B 80 -7.93 16.04 7.81
N ASN B 81 -8.61 15.14 8.49
CA ASN B 81 -8.97 13.82 7.92
C ASN B 81 -7.69 13.05 7.61
N GLY B 82 -7.53 12.58 6.37
CA GLY B 82 -6.34 11.82 5.99
C GLY B 82 -5.37 12.64 5.16
N ASP B 83 -5.59 13.95 5.12
CA ASP B 83 -4.85 14.85 4.23
C ASP B 83 -3.90 15.83 4.92
N ALA B 84 -2.86 16.24 4.18
CA ALA B 84 -1.87 17.22 4.63
C ALA B 84 -1.98 18.55 3.90
N TYR B 85 -2.09 19.63 4.67
CA TYR B 85 -2.24 20.97 4.12
C TYR B 85 -1.13 21.92 4.62
N ILE B 86 -0.89 23.01 3.88
CA ILE B 86 -0.09 24.12 4.41
C ILE B 86 1.28 23.67 4.90
N LEU B 87 1.97 22.92 4.06
CA LEU B 87 3.29 22.43 4.42
C LEU B 87 4.23 23.61 4.53
N ASN B 88 5.11 23.59 5.52
CA ASN B 88 5.97 24.73 5.81
C ASN B 88 7.35 24.26 6.22
N TYR B 89 8.36 25.09 6.05
CA TYR B 89 9.70 24.72 6.49
C TYR B 89 10.29 25.85 7.34
N GLU B 90 10.25 25.66 8.66
CA GLU B 90 10.50 26.76 9.58
C GLU B 90 11.59 26.49 10.64
N ASP B 91 12.01 27.57 11.32
CA ASP B 91 12.86 27.52 12.51
C ASP B 91 14.25 26.91 12.25
N ARG C 2 -8.89 -7.52 12.06
CA ARG C 2 -8.30 -7.80 10.76
C ARG C 2 -8.89 -9.07 10.16
N GLN C 3 -8.78 -9.17 8.84
CA GLN C 3 -9.34 -10.29 8.11
C GLN C 3 -8.63 -11.58 8.45
N PHE C 4 -9.39 -12.60 8.78
CA PHE C 4 -8.80 -13.85 9.21
C PHE C 4 -7.96 -14.50 8.11
N LYS C 5 -8.54 -14.74 6.95
CA LYS C 5 -7.82 -15.38 5.86
C LYS C 5 -7.52 -14.41 4.72
N VAL C 6 -6.23 -14.33 4.35
CA VAL C 6 -5.77 -13.45 3.30
C VAL C 6 -5.24 -14.30 2.15
N SER C 7 -5.83 -14.18 0.97
CA SER C 7 -5.47 -15.05 -0.14
C SER C 7 -4.32 -14.49 -0.91
N HIS C 8 -3.62 -15.38 -1.59
CA HIS C 8 -2.62 -14.99 -2.57
C HIS C 8 -3.38 -14.47 -3.78
N PRO C 9 -3.06 -13.25 -4.23
CA PRO C 9 -3.81 -12.62 -5.33
C PRO C 9 -3.88 -13.51 -6.56
N GLY C 10 -2.85 -14.29 -6.78
CA GLY C 10 -2.84 -15.21 -7.89
C GLY C 10 -4.02 -16.16 -7.81
N GLU C 11 -4.27 -16.72 -6.62
CA GLU C 11 -5.38 -17.65 -6.44
C GLU C 11 -6.74 -16.95 -6.51
N ILE C 13 -7.13 -14.51 -8.49
CA ILE C 13 -7.26 -14.30 -9.92
C ILE C 13 -7.73 -15.63 -10.56
N ALA C 14 -7.28 -16.75 -10.00
CA ALA C 14 -7.69 -18.05 -10.51
C ALA C 14 -9.20 -18.19 -10.45
N ARG C 15 -9.76 -17.92 -9.27
CA ARG C 15 -11.20 -17.99 -9.06
C ARG C 15 -11.96 -16.99 -9.94
N ASP C 16 -11.38 -15.81 -10.19
CA ASP C 16 -12.04 -14.85 -11.07
C ASP C 16 -11.99 -15.29 -12.53
N LEU C 17 -10.90 -15.94 -12.94
CA LEU C 17 -10.80 -16.43 -14.31
C LEU C 17 -11.80 -17.54 -14.57
N GLU C 18 -12.01 -18.38 -13.55
CA GLU C 18 -13.00 -19.45 -13.61
C GLU C 18 -14.40 -18.90 -13.81
N ASP C 19 -14.76 -17.87 -13.07
CA ASP C 19 -16.08 -17.28 -13.16
C ASP C 19 -16.33 -16.53 -14.47
N GLY C 21 -15.03 -17.68 -17.29
CA GLY C 21 -14.88 -18.71 -18.30
C GLY C 21 -13.60 -18.62 -19.11
N VAL C 22 -12.56 -18.06 -18.50
CA VAL C 22 -11.24 -17.88 -19.14
C VAL C 22 -10.21 -18.85 -18.61
N SER C 23 -9.55 -19.57 -19.52
CA SER C 23 -8.57 -20.57 -19.12
C SER C 23 -7.23 -19.92 -18.80
N GLY C 24 -6.39 -20.63 -18.06
CA GLY C 24 -5.05 -20.18 -17.78
C GLY C 24 -4.27 -19.82 -19.04
N ARG C 25 -4.33 -20.69 -20.04
CA ARG C 25 -3.56 -20.48 -21.25
C ARG C 25 -4.05 -19.21 -21.98
N ARG C 26 -5.37 -19.04 -22.10
CA ARG C 26 -5.90 -17.89 -22.83
C ARG C 26 -5.59 -16.61 -22.07
N PHE C 27 -5.67 -16.66 -20.74
CA PHE C 27 -5.30 -15.50 -19.91
C PHE C 27 -3.83 -15.19 -20.09
N ALA C 28 -2.98 -16.21 -20.06
CA ALA C 28 -1.56 -15.97 -20.25
C ALA C 28 -1.27 -15.23 -21.56
N HIS C 29 -1.83 -15.73 -22.65
CA HIS C 29 -1.62 -15.13 -23.96
C HIS C 29 -2.06 -13.66 -23.99
N ASN C 30 -3.16 -13.32 -23.33
CA ASN C 30 -3.69 -11.96 -23.40
C ASN C 30 -2.78 -10.95 -22.72
N ILE C 31 -2.30 -11.27 -21.51
CA ILE C 31 -1.49 -10.29 -20.76
C ILE C 31 -0.03 -10.36 -21.17
N GLY C 32 0.31 -11.31 -22.04
CA GLY C 32 1.64 -11.38 -22.58
C GLY C 32 2.66 -11.91 -21.59
N VAL C 33 2.27 -12.94 -20.85
CA VAL C 33 3.16 -13.61 -19.92
C VAL C 33 3.14 -15.10 -20.31
N THR C 34 4.25 -15.80 -20.09
CA THR C 34 4.33 -17.21 -20.44
C THR C 34 3.43 -18.01 -19.53
N PRO C 35 2.78 -19.04 -20.09
CA PRO C 35 1.89 -19.91 -19.30
C PRO C 35 2.60 -20.54 -18.13
N ALA C 36 3.89 -20.79 -18.27
CA ALA C 36 4.63 -21.40 -17.17
C ALA C 36 4.54 -20.49 -15.95
N THR C 37 4.83 -19.21 -16.16
CA THR C 37 4.72 -18.24 -15.09
C THR C 37 3.25 -18.08 -14.67
N VAL C 38 2.32 -17.96 -15.61
CA VAL C 38 0.93 -17.79 -15.22
C VAL C 38 0.38 -18.97 -14.40
N SER C 39 0.78 -20.19 -14.71
CA SER C 39 0.33 -21.34 -13.95
C SER C 39 0.91 -21.33 -12.53
N ARG C 40 2.19 -20.96 -12.37
CA ARG C 40 2.77 -20.80 -11.03
C ARG C 40 2.07 -19.67 -10.23
N LEU C 41 1.63 -18.62 -10.93
CA LEU C 41 0.93 -17.50 -10.31
C LEU C 41 -0.41 -17.92 -9.74
N LEU C 42 -1.23 -18.56 -10.57
CA LEU C 42 -2.57 -18.93 -10.17
C LEU C 42 -2.61 -19.98 -9.07
N ALA C 43 -1.50 -20.70 -8.88
CA ALA C 43 -1.38 -21.65 -7.78
C ALA C 43 -0.84 -20.96 -6.53
N GLY C 44 -0.46 -19.70 -6.70
CA GLY C 44 0.08 -18.94 -5.60
C GLY C 44 1.47 -19.41 -5.24
N LYS C 45 2.22 -19.91 -6.22
CA LYS C 45 3.55 -20.43 -5.95
C LYS C 45 4.66 -19.41 -6.23
N THR C 46 4.37 -18.40 -7.07
CA THR C 46 5.25 -17.24 -7.26
C THR C 46 4.52 -15.92 -6.96
N ALA C 47 5.26 -14.88 -6.63
CA ALA C 47 4.68 -13.57 -6.26
C ALA C 47 4.22 -12.74 -7.43
N LEU C 48 3.26 -11.88 -7.14
CA LEU C 48 2.77 -10.91 -8.10
C LEU C 48 3.66 -9.69 -7.98
N THR C 49 4.52 -9.50 -8.97
CA THR C 49 5.55 -8.45 -8.92
C THR C 49 5.04 -7.15 -9.57
N PRO C 50 5.82 -6.05 -9.45
CA PRO C 50 5.34 -4.82 -10.11
C PRO C 50 5.11 -4.98 -11.61
N SER C 51 5.98 -5.72 -12.31
CA SER C 51 5.78 -5.88 -13.75
C SER C 51 4.50 -6.61 -14.10
N LEU C 52 4.22 -7.70 -13.40
CA LEU C 52 3.00 -8.46 -13.63
C LEU C 52 1.79 -7.62 -13.29
N SER C 53 1.87 -6.87 -12.20
CA SER C 53 0.74 -6.08 -11.76
C SER C 53 0.32 -5.07 -12.83
N ILE C 54 1.29 -4.52 -13.54
CA ILE C 54 0.93 -3.56 -14.57
C ILE C 54 0.20 -4.31 -15.68
N ARG C 55 0.70 -5.50 -16.02
CA ARG C 55 0.07 -6.29 -17.08
C ARG C 55 -1.33 -6.73 -16.62
N ILE C 56 -1.42 -7.18 -15.37
CA ILE C 56 -2.66 -7.75 -14.87
C ILE C 56 -3.76 -6.69 -14.80
N ALA C 57 -3.46 -5.49 -14.32
CA ALA C 57 -4.50 -4.46 -14.26
C ALA C 57 -4.94 -4.07 -15.66
N ALA C 58 -4.06 -4.25 -16.64
CA ALA C 58 -4.44 -3.98 -18.02
C ALA C 58 -5.60 -4.89 -18.50
N ALA C 59 -5.78 -6.05 -17.83
CA ALA C 59 -6.81 -7.03 -18.18
C ALA C 59 -7.97 -7.09 -17.20
N LEU C 60 -7.65 -7.07 -15.91
CA LEU C 60 -8.68 -7.27 -14.90
C LEU C 60 -9.12 -5.99 -14.24
N GLY C 61 -8.51 -4.87 -14.62
CA GLY C 61 -8.92 -3.62 -14.03
C GLY C 61 -8.27 -3.33 -12.70
N SER C 62 -8.88 -2.42 -11.94
CA SER C 62 -8.24 -1.79 -10.78
C SER C 62 -6.94 -1.13 -11.25
N THR C 63 -6.12 -0.74 -10.28
CA THR C 63 -4.81 -0.13 -10.52
C THR C 63 -3.68 -1.12 -10.17
N PRO C 64 -2.49 -0.95 -10.76
CA PRO C 64 -1.36 -1.82 -10.40
C PRO C 64 -1.06 -1.81 -8.93
N GLU C 65 -1.16 -0.65 -8.29
CA GLU C 65 -0.96 -0.50 -6.84
C GLU C 65 -1.82 -1.50 -6.07
N PHE C 66 -3.05 -1.67 -6.54
CA PHE C 66 -3.99 -2.52 -5.84
C PHE C 66 -3.47 -3.95 -5.83
N TRP C 67 -3.13 -4.48 -6.99
CA TRP C 67 -2.71 -5.88 -7.09
C TRP C 67 -1.45 -6.10 -6.30
N LEU C 68 -0.58 -5.09 -6.33
CA LEU C 68 0.68 -5.17 -5.62
C LEU C 68 0.46 -5.21 -4.13
N ARG C 69 -0.55 -4.48 -3.67
CA ARG C 69 -0.82 -4.37 -2.24
C ARG C 69 -1.42 -5.68 -1.72
N LEU C 70 -2.25 -6.34 -2.53
CA LEU C 70 -2.79 -7.64 -2.17
C LEU C 70 -1.62 -8.56 -1.91
N GLN C 71 -0.67 -8.53 -2.83
CA GLN C 71 0.55 -9.33 -2.72
C GLN C 71 1.35 -9.00 -1.47
N SER C 72 1.54 -7.72 -1.22
CA SER C 72 2.28 -7.25 -0.04
C SER C 72 1.66 -7.71 1.24
N ASN C 73 0.36 -7.47 1.35
CA ASN C 73 -0.42 -7.82 2.54
C ASN C 73 -0.37 -9.30 2.82
N TYR C 74 -0.53 -10.10 1.76
CA TYR C 74 -0.42 -11.54 1.87
C TYR C 74 0.97 -11.94 2.37
N ASP C 75 2.00 -11.40 1.73
CA ASP C 75 3.37 -11.70 2.11
C ASP C 75 3.65 -11.42 3.57
N LEU C 76 3.22 -10.25 4.03
CA LEU C 76 3.51 -9.86 5.40
C LEU C 76 2.77 -10.80 6.33
N ARG C 77 1.57 -11.21 5.94
CA ARG C 77 0.80 -12.14 6.74
C ARG C 77 1.50 -13.48 6.80
N GLN C 78 1.86 -14.02 5.65
CA GLN C 78 2.64 -15.26 5.62
C GLN C 78 3.95 -15.21 6.43
N LEU C 79 4.59 -14.05 6.54
CA LEU C 79 5.87 -13.94 7.24
C LEU C 79 5.72 -13.59 8.71
N GLU C 80 4.49 -13.43 9.15
CA GLU C 80 4.24 -12.88 10.48
C GLU C 80 4.77 -13.75 11.62
N ASN C 81 4.65 -15.06 11.52
CA ASN C 81 5.23 -15.94 12.52
C ASN C 81 6.47 -16.69 12.01
N GLN C 82 7.11 -16.19 10.95
CA GLN C 82 8.34 -16.81 10.45
C GLN C 82 9.63 -16.03 10.75
N ILE C 83 9.52 -14.79 11.23
CA ILE C 83 10.71 -13.95 11.41
C ILE C 83 10.89 -13.40 12.83
N ASP C 84 11.98 -13.80 13.48
CA ASP C 84 12.22 -13.44 14.87
C ASP C 84 12.88 -12.06 15.02
N THR C 85 12.14 -11.06 15.50
CA THR C 85 12.61 -9.68 15.60
C THR C 85 13.08 -9.41 17.04
N SER C 86 13.28 -10.51 17.76
CA SER C 86 13.40 -10.54 19.23
C SER C 86 14.28 -9.48 19.96
N GLY C 87 15.55 -9.24 19.66
CA GLY C 87 16.36 -9.72 18.57
C GLY C 87 16.96 -8.39 18.10
N ILE C 88 16.10 -7.60 17.46
CA ILE C 88 16.45 -6.34 16.83
C ILE C 88 16.16 -5.11 17.71
N VAL C 89 17.16 -4.27 17.87
CA VAL C 89 17.01 -3.06 18.63
C VAL C 89 16.38 -1.92 17.83
N LEU C 90 15.33 -1.32 18.40
CA LEU C 90 14.73 -0.11 17.86
C LEU C 90 15.56 1.10 18.26
N TYR C 91 16.34 1.65 17.32
CA TYR C 91 17.23 2.76 17.63
C TYR C 91 16.53 3.97 18.27
N GLY C 92 17.17 4.51 19.31
CA GLY C 92 16.71 5.74 19.94
C GLY C 92 17.66 6.86 19.53
N GLU C 93 18.23 7.57 20.49
CA GLU C 93 19.10 8.68 20.15
C GLU C 93 20.52 8.47 20.66
N ILE D 3 -13.00 -1.54 7.24
CA ILE D 3 -14.29 -2.19 7.37
C ILE D 3 -14.67 -2.12 8.82
N LYS D 4 -15.69 -1.31 9.13
CA LYS D 4 -15.96 -0.94 10.51
C LYS D 4 -17.16 -1.68 11.08
N SER D 5 -18.07 -2.15 10.23
CA SER D 5 -19.24 -2.90 10.74
C SER D 5 -19.91 -3.79 9.69
N PHE D 6 -20.68 -4.76 10.18
CA PHE D 6 -21.37 -5.68 9.30
C PHE D 6 -22.87 -5.68 9.52
N LYS D 7 -23.65 -5.71 8.46
CA LYS D 7 -25.05 -5.97 8.63
C LYS D 7 -25.26 -7.48 8.60
N HIS D 8 -24.47 -8.16 7.81
CA HIS D 8 -24.60 -9.59 7.62
C HIS D 8 -23.75 -10.34 8.63
N LYS D 9 -24.35 -11.09 9.56
CA LYS D 9 -23.57 -11.68 10.65
C LYS D 9 -22.66 -12.80 10.15
N GLY D 10 -22.99 -13.37 8.99
CA GLY D 10 -22.20 -14.41 8.38
C GLY D 10 -20.93 -13.89 7.74
N LEU D 11 -21.00 -12.66 7.21
CA LEU D 11 -19.82 -12.03 6.71
C LEU D 11 -18.92 -11.72 7.87
N LYS D 12 -19.47 -11.10 8.92
CA LYS D 12 -18.64 -10.75 10.07
C LYS D 12 -17.93 -11.99 10.54
N LEU D 13 -18.66 -13.10 10.56
CA LEU D 13 -18.08 -14.36 11.00
C LEU D 13 -16.98 -14.89 10.09
N LEU D 14 -17.16 -14.82 8.77
CA LEU D 14 -16.13 -15.25 7.84
C LEU D 14 -14.91 -14.33 7.90
N PHE D 15 -15.15 -13.05 8.03
CA PHE D 15 -14.11 -12.04 8.02
C PHE D 15 -13.25 -12.18 9.27
N GLU D 16 -13.89 -12.24 10.44
CA GLU D 16 -13.16 -12.14 11.69
C GLU D 16 -12.57 -13.45 12.19
N LYS D 17 -13.29 -14.55 11.98
CA LYS D 17 -12.90 -15.80 12.61
C LYS D 17 -12.63 -16.86 11.55
N GLY D 18 -12.93 -16.52 10.30
CA GLY D 18 -12.65 -17.38 9.17
C GLY D 18 -13.53 -18.61 9.15
N VAL D 19 -14.69 -18.47 9.77
CA VAL D 19 -15.69 -19.52 9.90
C VAL D 19 -16.76 -19.31 8.84
N THR D 20 -17.16 -20.41 8.21
CA THR D 20 -17.93 -20.37 6.98
C THR D 20 -19.39 -20.80 7.14
N SER D 21 -19.85 -21.04 8.36
CA SER D 21 -21.18 -21.60 8.58
C SER D 21 -22.32 -20.62 8.22
N GLY D 22 -22.03 -19.33 8.24
CA GLY D 22 -23.01 -18.28 8.02
C GLY D 22 -23.18 -17.75 6.61
N VAL D 23 -22.44 -18.32 5.65
CA VAL D 23 -22.55 -17.87 4.26
C VAL D 23 -22.79 -19.07 3.34
N PRO D 24 -23.53 -18.86 2.24
CA PRO D 24 -23.78 -19.94 1.29
C PRO D 24 -22.47 -20.56 0.84
N ALA D 25 -22.36 -21.89 0.85
CA ALA D 25 -21.08 -22.57 0.66
C ALA D 25 -20.41 -22.28 -0.67
N GLN D 26 -21.19 -22.05 -1.73
CA GLN D 26 -20.56 -21.84 -3.02
C GLN D 26 -19.89 -20.50 -3.05
N ASP D 27 -20.36 -19.58 -2.21
CA ASP D 27 -19.81 -18.22 -2.23
C ASP D 27 -18.69 -17.95 -1.18
N VAL D 28 -18.28 -18.95 -0.40
CA VAL D 28 -17.27 -18.70 0.64
C VAL D 28 -16.01 -17.95 0.15
N ASP D 29 -15.33 -18.49 -0.85
CA ASP D 29 -14.11 -17.84 -1.38
C ASP D 29 -14.43 -16.57 -2.14
N ARG D 30 -15.52 -16.64 -2.90
CA ARG D 30 -15.99 -15.54 -3.72
C ARG D 30 -16.23 -14.34 -2.81
N ILE D 31 -16.81 -14.60 -1.65
CA ILE D 31 -17.10 -13.56 -0.68
C ILE D 31 -15.85 -13.07 0.04
N ASN D 32 -14.96 -13.99 0.41
CA ASN D 32 -13.75 -13.62 1.11
C ASN D 32 -12.86 -12.81 0.19
N ASP D 33 -12.82 -13.18 -1.08
CA ASP D 33 -12.13 -12.39 -2.08
C ASP D 33 -12.62 -10.95 -2.10
N ARG D 34 -13.94 -10.80 -2.06
CA ARG D 34 -14.52 -9.47 -2.15
C ARG D 34 -14.23 -8.64 -0.92
N LEU D 35 -14.21 -9.29 0.25
CA LEU D 35 -13.96 -8.54 1.47
C LEU D 35 -12.51 -8.14 1.49
N GLN D 36 -11.63 -9.02 1.01
CA GLN D 36 -10.21 -8.72 0.93
C GLN D 36 -10.00 -7.55 -0.01
N ALA D 37 -10.73 -7.53 -1.11
CA ALA D 37 -10.65 -6.43 -2.05
C ALA D 37 -11.06 -5.11 -1.39
N ILE D 38 -12.22 -5.10 -0.75
CA ILE D 38 -12.68 -3.90 -0.06
C ILE D 38 -11.71 -3.47 1.03
N ASP D 39 -11.19 -4.44 1.77
CA ASP D 39 -10.25 -4.18 2.85
C ASP D 39 -8.96 -3.55 2.32
N THR D 40 -8.60 -3.88 1.08
CA THR D 40 -7.33 -3.47 0.50
C THR D 40 -7.41 -2.13 -0.27
N ALA D 41 -8.50 -1.88 -0.95
CA ALA D 41 -8.61 -0.63 -1.71
C ALA D 41 -8.39 0.62 -0.85
N THR D 42 -7.76 1.65 -1.40
CA THR D 42 -7.53 2.88 -0.66
C THR D 42 -8.46 3.98 -1.19
N GLU D 43 -8.99 3.72 -2.37
CA GLU D 43 -9.89 4.61 -3.07
C GLU D 43 -11.07 3.75 -3.46
N ILE D 44 -12.17 4.34 -3.90
CA ILE D 44 -13.31 3.53 -4.26
C ILE D 44 -13.13 3.03 -5.68
N GLY D 45 -12.36 3.79 -6.47
CA GLY D 45 -12.15 3.47 -7.87
C GLY D 45 -11.35 2.20 -8.07
N GLU D 46 -10.66 1.75 -7.02
CA GLU D 46 -9.86 0.53 -7.11
C GLU D 46 -10.78 -0.71 -7.12
N LEU D 47 -12.03 -0.52 -6.75
CA LEU D 47 -13.02 -1.61 -6.83
C LEU D 47 -13.74 -1.61 -8.17
N ASN D 48 -13.32 -0.73 -9.06
CA ASN D 48 -14.05 -0.60 -10.32
C ASN D 48 -13.64 -1.60 -11.39
N ARG D 49 -13.40 -2.84 -10.99
CA ARG D 49 -13.24 -3.93 -11.93
C ARG D 49 -14.57 -4.21 -12.62
N GLN D 50 -14.51 -4.65 -13.88
CA GLN D 50 -15.69 -4.95 -14.65
C GLN D 50 -16.56 -6.01 -13.96
N ILE D 51 -15.96 -7.11 -13.49
CA ILE D 51 -16.73 -8.21 -12.89
C ILE D 51 -17.40 -7.84 -11.56
N TYR D 52 -16.99 -6.72 -10.96
CA TYR D 52 -17.59 -6.29 -9.71
C TYR D 52 -18.84 -5.46 -10.03
N LYS D 53 -18.82 -4.83 -11.22
CA LYS D 53 -19.88 -3.92 -11.65
C LYS D 53 -20.24 -2.93 -10.55
N LEU D 54 -19.21 -2.32 -10.00
CA LEU D 54 -19.32 -1.33 -8.96
C LEU D 54 -20.26 -0.22 -9.40
N HIS D 55 -21.22 0.12 -8.55
CA HIS D 55 -22.10 1.24 -8.82
C HIS D 55 -22.69 1.75 -7.50
N PRO D 56 -22.99 3.04 -7.44
CA PRO D 56 -23.47 3.55 -6.16
C PRO D 56 -24.96 3.30 -6.05
N LEU D 57 -25.49 3.26 -4.84
CA LEU D 57 -26.92 3.05 -4.69
C LEU D 57 -27.60 4.40 -4.43
N LYS D 58 -28.87 4.49 -4.81
CA LYS D 58 -29.59 5.73 -4.60
C LYS D 58 -30.79 5.45 -3.71
N GLY D 59 -31.42 6.53 -3.25
CA GLY D 59 -32.62 6.40 -2.46
C GLY D 59 -32.30 6.73 -1.02
N ASP D 60 -32.76 5.86 -0.13
CA ASP D 60 -32.46 5.99 1.29
C ASP D 60 -31.11 5.35 1.57
N ARG D 61 -30.62 4.56 0.62
CA ARG D 61 -29.22 4.14 0.70
C ARG D 61 -28.31 4.99 -0.18
N GLU D 62 -28.28 6.30 0.06
CA GLU D 62 -27.30 7.14 -0.63
C GLU D 62 -25.94 7.06 0.09
N GLY D 63 -24.85 7.08 -0.68
CA GLY D 63 -23.54 6.88 -0.10
C GLY D 63 -23.25 5.41 0.14
N TYR D 64 -24.16 4.56 -0.34
CA TYR D 64 -23.94 3.12 -0.33
C TYR D 64 -23.41 2.74 -1.69
N TRP D 65 -22.63 1.66 -1.71
CA TRP D 65 -22.09 1.16 -2.96
C TRP D 65 -22.41 -0.32 -3.00
N SER D 66 -22.48 -0.90 -4.20
CA SER D 66 -22.57 -2.34 -4.29
C SER D 66 -21.64 -2.92 -5.33
N ILE D 67 -21.17 -4.14 -5.08
CA ILE D 67 -20.45 -4.89 -6.10
C ILE D 67 -21.04 -6.29 -6.20
N THR D 68 -20.88 -6.87 -7.38
CA THR D 68 -21.43 -8.18 -7.69
C THR D 68 -20.57 -9.34 -7.19
N VAL D 69 -21.21 -10.30 -6.56
CA VAL D 69 -20.60 -11.57 -6.20
C VAL D 69 -20.80 -12.58 -7.32
N ARG D 70 -22.03 -12.66 -7.80
CA ARG D 70 -22.41 -13.57 -8.87
C ARG D 70 -23.79 -13.17 -9.31
N ALA D 71 -24.29 -13.78 -10.39
CA ALA D 71 -25.64 -13.51 -10.86
C ALA D 71 -26.62 -13.34 -9.71
N ASN D 72 -27.19 -12.14 -9.63
CA ASN D 72 -28.25 -11.82 -8.68
C ASN D 72 -27.79 -11.62 -7.24
N TRP D 73 -26.49 -11.63 -6.98
CA TRP D 73 -25.97 -11.46 -5.61
C TRP D 73 -24.97 -10.35 -5.48
N ARG D 74 -25.10 -9.56 -4.43
CA ARG D 74 -24.31 -8.35 -4.25
C ARG D 74 -23.67 -8.30 -2.87
N ILE D 75 -22.54 -7.60 -2.75
CA ILE D 75 -22.08 -7.13 -1.46
C ILE D 75 -22.29 -5.62 -1.42
N THR D 76 -22.86 -5.09 -0.35
CA THR D 76 -23.04 -3.65 -0.25
C THR D 76 -22.39 -3.11 0.98
N PHE D 77 -22.12 -1.82 0.96
CA PHE D 77 -21.61 -1.13 2.13
C PHE D 77 -21.86 0.37 2.02
N GLN D 78 -21.92 1.00 3.18
CA GLN D 78 -22.07 2.44 3.26
C GLN D 78 -20.68 3.05 3.32
N PHE D 79 -20.48 4.15 2.59
CA PHE D 79 -19.16 4.75 2.49
C PHE D 79 -19.14 6.05 3.27
N ILE D 80 -18.50 6.03 4.44
CA ILE D 80 -18.39 7.24 5.23
C ILE D 80 -16.96 7.65 5.48
N ASN D 81 -16.53 8.73 4.84
CA ASN D 81 -15.20 9.30 5.11
C ASN D 81 -14.08 8.27 5.00
N GLY D 82 -14.05 7.52 3.91
CA GLY D 82 -13.01 6.51 3.70
C GLY D 82 -13.16 5.22 4.49
N ASP D 83 -14.30 5.06 5.16
CA ASP D 83 -14.57 3.86 5.93
C ASP D 83 -15.75 3.15 5.31
N ALA D 84 -15.83 1.83 5.49
CA ALA D 84 -16.96 1.06 4.98
C ALA D 84 -17.79 0.57 6.15
N TYR D 85 -19.09 0.85 6.13
CA TYR D 85 -20.00 0.41 7.19
C TYR D 85 -21.14 -0.45 6.65
N ILE D 86 -21.72 -1.24 7.55
CA ILE D 86 -22.93 -1.97 7.26
C ILE D 86 -22.69 -2.87 6.06
N LEU D 87 -21.60 -3.62 6.12
CA LEU D 87 -21.30 -4.51 5.01
C LEU D 87 -22.36 -5.55 4.94
N ASN D 88 -22.79 -5.85 3.72
CA ASN D 88 -23.92 -6.73 3.58
C ASN D 88 -23.79 -7.67 2.40
N TYR D 89 -24.55 -8.78 2.46
CA TYR D 89 -24.61 -9.75 1.37
C TYR D 89 -26.08 -10.04 1.03
N GLU D 90 -26.55 -9.48 -0.08
CA GLU D 90 -27.98 -9.51 -0.39
C GLU D 90 -28.19 -10.00 -1.80
N ASP D 91 -29.42 -10.39 -2.11
CA ASP D 91 -29.80 -10.70 -3.49
C ASP D 91 -30.47 -9.50 -4.17
N TYR D 92 -30.63 -9.59 -5.48
CA TYR D 92 -31.25 -8.53 -6.26
C TYR D 92 -31.91 -9.15 -7.47
N HIS D 93 -33.23 -9.09 -7.50
CA HIS D 93 -34.02 -9.62 -8.59
C HIS D 93 -34.89 -8.50 -9.12
#